data_3SMK
#
_entry.id   3SMK
#
_cell.length_a   81.290
_cell.length_b   111.780
_cell.length_c   63.110
_cell.angle_alpha   90.00
_cell.angle_beta   90.00
_cell.angle_gamma   90.00
#
_symmetry.space_group_name_H-M   'C 2 2 21'
#
loop_
_entity.id
_entity.type
_entity.pdbx_description
1 polymer '14-3-3 protein sigma'
2 polymer 'TASK-3 peptide'
3 non-polymer 'Cotylenin A'
4 non-polymer 'MAGNESIUM ION'
5 water water
#
loop_
_entity_poly.entity_id
_entity_poly.type
_entity_poly.pdbx_seq_one_letter_code
_entity_poly.pdbx_strand_id
1 'polypeptide(L)'
;GAMGSMERASLIQKAKLAEQAERYEDMAAFMKGAVEKGEELSVEERNLLSVAYKNVVGGQRAAWRVLSSIEQKSNEEGSE
EKGPEVREYREKVETELQGVCDTVLGLLDSHLIKEAGDAESRVFYLKMKGDYYRYLAEVATGDDKKRIIDSARSAYQEAM
DISKKEMPPTHPIRLGLALNFSVFHYEIANSPEEAISLAKTTFDEAMADLHTLSEDSYKDSTLIMQLLRDNLTLWT
;
A
2 'polypeptide(L)' KRRK(SEP)V P
#
loop_
_chem_comp.id
_chem_comp.type
_chem_comp.name
_chem_comp.formula
CW7 non-polymer 'Cotylenin A' 'C33 H50 O11'
MG non-polymer 'MAGNESIUM ION' 'Mg 2'
#
# COMPACT_ATOMS: atom_id res chain seq x y z
N GLY A 1 15.61 -9.96 17.07
CA GLY A 1 14.67 -9.90 18.21
C GLY A 1 13.90 -8.66 17.94
N ALA A 2 12.67 -8.55 18.44
CA ALA A 2 11.95 -9.62 19.17
C ALA A 2 11.87 -10.98 18.44
N MET A 3 12.11 -10.99 17.12
CA MET A 3 11.88 -12.16 16.30
C MET A 3 13.19 -12.85 15.90
N GLY A 4 14.32 -12.28 16.34
CA GLY A 4 15.67 -12.76 15.90
C GLY A 4 16.02 -14.17 16.32
N SER A 5 15.38 -14.72 17.36
CA SER A 5 15.63 -16.11 17.79
CA SER A 5 15.63 -16.11 17.78
C SER A 5 14.79 -17.16 17.07
N MET A 6 13.80 -16.74 16.28
CA MET A 6 12.90 -17.67 15.64
C MET A 6 13.37 -17.98 14.26
N GLU A 7 13.24 -19.23 13.86
CA GLU A 7 13.56 -19.69 12.49
C GLU A 7 12.75 -18.94 11.46
N ARG A 8 13.41 -18.57 10.37
CA ARG A 8 12.70 -18.00 9.20
C ARG A 8 11.40 -18.78 8.81
N ALA A 9 11.49 -20.08 8.66
CA ALA A 9 10.31 -20.82 8.19
C ALA A 9 9.19 -20.80 9.28
N SER A 10 9.58 -20.71 10.56
CA SER A 10 8.63 -20.64 11.69
C SER A 10 7.92 -19.30 11.70
N LEU A 11 8.64 -18.24 11.38
CA LEU A 11 7.99 -16.93 11.20
C LEU A 11 6.90 -16.92 10.11
N ILE A 12 7.22 -17.48 8.95
CA ILE A 12 6.29 -17.53 7.81
CA ILE A 12 6.29 -17.49 7.83
C ILE A 12 5.08 -18.38 8.16
N GLN A 13 5.36 -19.52 8.80
CA GLN A 13 4.27 -20.39 9.25
CA GLN A 13 4.34 -20.43 9.32
C GLN A 13 3.36 -19.67 10.25
N LYS A 14 3.91 -18.98 11.23
CA LYS A 14 3.11 -18.25 12.20
C LYS A 14 2.41 -17.06 11.54
N ALA A 15 3.03 -16.42 10.57
CA ALA A 15 2.32 -15.35 9.87
C ALA A 15 1.03 -15.86 9.21
N LYS A 16 1.08 -17.02 8.57
CA LYS A 16 -0.09 -17.63 7.96
C LYS A 16 -1.17 -18.06 8.96
N LEU A 17 -0.75 -18.65 10.08
CA LEU A 17 -1.63 -18.78 11.27
C LEU A 17 -2.30 -17.48 11.76
N ALA A 18 -1.51 -16.44 11.96
CA ALA A 18 -2.02 -15.14 12.41
C ALA A 18 -3.08 -14.58 11.43
N GLU A 19 -2.85 -14.77 10.10
CA GLU A 19 -3.78 -14.37 9.07
C GLU A 19 -5.13 -15.07 9.24
N GLN A 20 -5.11 -16.40 9.26
CA GLN A 20 -6.27 -17.25 9.60
C GLN A 20 -6.96 -16.76 10.88
N ALA A 21 -6.18 -16.37 11.90
CA ALA A 21 -6.82 -15.86 13.12
C ALA A 21 -7.19 -14.36 13.10
N GLU A 22 -6.94 -13.66 11.99
CA GLU A 22 -7.15 -12.21 11.90
CA GLU A 22 -7.16 -12.21 11.90
C GLU A 22 -6.38 -11.44 12.96
N ARG A 23 -5.16 -11.91 13.24
CA ARG A 23 -4.29 -11.22 14.16
C ARG A 23 -3.26 -10.49 13.30
N TYR A 24 -3.67 -9.36 12.71
CA TYR A 24 -2.84 -8.75 11.65
C TYR A 24 -1.59 -8.08 12.21
N GLU A 25 -1.65 -7.53 13.44
CA GLU A 25 -0.43 -6.98 14.05
CA GLU A 25 -0.44 -7.00 14.11
C GLU A 25 0.64 -8.08 14.30
N ASP A 26 0.22 -9.25 14.82
CA ASP A 26 1.09 -10.44 14.96
C ASP A 26 1.61 -10.81 13.55
N MET A 27 0.69 -10.86 12.59
CA MET A 27 1.07 -11.19 11.24
C MET A 27 2.24 -10.31 10.71
N ALA A 28 2.10 -9.01 10.85
CA ALA A 28 3.04 -8.03 10.44
C ALA A 28 4.36 -8.16 11.20
N ALA A 29 4.29 -8.40 12.50
CA ALA A 29 5.53 -8.58 13.33
C ALA A 29 6.28 -9.80 12.84
N PHE A 30 5.56 -10.88 12.56
CA PHE A 30 6.18 -12.13 12.08
C PHE A 30 6.84 -11.95 10.71
N MET A 31 6.10 -11.34 9.78
CA MET A 31 6.69 -11.01 8.47
C MET A 31 7.86 -10.05 8.52
N LYS A 32 7.80 -9.03 9.38
CA LYS A 32 8.91 -8.14 9.58
C LYS A 32 10.12 -8.96 10.06
N GLY A 33 9.86 -9.90 10.97
CA GLY A 33 10.95 -10.77 11.45
C GLY A 33 11.54 -11.59 10.32
N ALA A 34 10.68 -12.10 9.42
CA ALA A 34 11.13 -12.82 8.25
C ALA A 34 12.05 -11.98 7.35
N VAL A 35 11.65 -10.75 7.05
CA VAL A 35 12.44 -9.89 6.19
C VAL A 35 13.81 -9.66 6.80
N GLU A 36 13.84 -9.55 8.11
CA GLU A 36 15.04 -9.28 8.86
C GLU A 36 16.05 -10.44 8.88
N LYS A 37 15.64 -11.61 8.38
CA LYS A 37 16.59 -12.70 8.15
C LYS A 37 17.58 -12.44 7.01
N GLY A 38 17.33 -11.38 6.22
CA GLY A 38 18.28 -10.94 5.24
C GLY A 38 18.13 -11.62 3.91
N GLU A 39 17.25 -12.63 3.78
CA GLU A 39 17.03 -13.29 2.50
CA GLU A 39 17.04 -13.28 2.49
C GLU A 39 15.87 -12.65 1.72
N GLU A 40 15.87 -12.77 0.39
CA GLU A 40 14.81 -12.17 -0.39
C GLU A 40 13.51 -12.96 -0.18
N LEU A 41 12.38 -12.28 -0.31
CA LEU A 41 11.08 -12.91 -0.10
C LEU A 41 10.66 -13.59 -1.41
N SER A 42 9.99 -14.74 -1.29
CA SER A 42 9.25 -15.31 -2.47
C SER A 42 8.02 -14.47 -2.79
N VAL A 43 7.38 -14.78 -3.92
CA VAL A 43 6.07 -14.26 -4.24
C VAL A 43 5.07 -14.36 -3.08
N GLU A 44 4.88 -15.56 -2.56
CA GLU A 44 3.93 -15.82 -1.50
CA GLU A 44 3.89 -15.77 -1.53
C GLU A 44 4.25 -14.98 -0.26
N GLU A 45 5.54 -14.89 0.06
CA GLU A 45 6.02 -14.21 1.27
C GLU A 45 5.85 -12.70 1.13
N ARG A 46 6.17 -12.12 -0.03
CA ARG A 46 5.84 -10.68 -0.26
C ARG A 46 4.34 -10.46 -0.15
N ASN A 47 3.53 -11.35 -0.75
CA ASN A 47 2.07 -11.19 -0.56
C ASN A 47 1.66 -11.12 0.92
N LEU A 48 2.21 -12.01 1.74
CA LEU A 48 1.89 -12.09 3.18
C LEU A 48 2.29 -10.80 3.90
N LEU A 49 3.48 -10.32 3.56
CA LEU A 49 3.97 -9.08 4.12
C LEU A 49 3.01 -7.92 3.81
N SER A 50 2.68 -7.73 2.55
CA SER A 50 1.84 -6.61 2.17
CA SER A 50 1.81 -6.64 2.12
C SER A 50 0.47 -6.69 2.77
N VAL A 51 -0.13 -7.87 2.81
CA VAL A 51 -1.44 -8.06 3.41
C VAL A 51 -1.38 -7.74 4.95
N ALA A 52 -0.28 -8.10 5.61
CA ALA A 52 -0.20 -7.90 7.09
C ALA A 52 -0.25 -6.40 7.38
N TYR A 53 0.68 -5.66 6.81
CA TYR A 53 0.72 -4.23 7.04
C TYR A 53 -0.41 -3.47 6.44
N LYS A 54 -0.90 -3.91 5.28
CA LYS A 54 -2.08 -3.28 4.66
C LYS A 54 -3.29 -3.32 5.63
N ASN A 55 -3.48 -4.45 6.26
CA ASN A 55 -4.51 -4.53 7.27
C ASN A 55 -4.26 -3.68 8.52
N VAL A 56 -3.06 -3.74 9.10
CA VAL A 56 -2.76 -2.92 10.28
C VAL A 56 -3.04 -1.42 9.98
N VAL A 57 -2.50 -0.91 8.86
CA VAL A 57 -2.56 0.52 8.52
CA VAL A 57 -2.61 0.55 8.62
C VAL A 57 -4.00 0.83 8.16
N GLY A 58 -4.68 -0.16 7.58
CA GLY A 58 -6.09 0.05 7.18
C GLY A 58 -6.98 0.31 8.39
N GLY A 59 -6.81 -0.47 9.46
CA GLY A 59 -7.54 -0.17 10.68
C GLY A 59 -7.16 1.21 11.25
N GLN A 60 -5.87 1.59 11.21
CA GLN A 60 -5.45 2.86 11.78
C GLN A 60 -5.98 4.05 10.96
N ARG A 61 -6.02 3.88 9.63
CA ARG A 61 -6.51 4.94 8.75
C ARG A 61 -8.03 5.10 8.94
N ALA A 62 -8.75 3.99 9.07
CA ALA A 62 -10.22 4.01 9.26
C ALA A 62 -10.56 4.78 10.60
N ALA A 63 -9.82 4.46 11.65
CA ALA A 63 -9.97 5.14 12.92
C ALA A 63 -9.58 6.63 12.80
N TRP A 64 -8.47 6.92 12.11
CA TRP A 64 -8.07 8.32 11.95
C TRP A 64 -9.12 9.14 11.26
N ARG A 65 -9.81 8.55 10.27
CA ARG A 65 -10.84 9.27 9.53
C ARG A 65 -12.08 9.62 10.39
N VAL A 66 -12.49 8.67 11.23
CA VAL A 66 -13.57 8.85 12.25
C VAL A 66 -13.23 10.01 13.20
N LEU A 67 -12.01 10.02 13.74
CA LEU A 67 -11.57 11.06 14.67
C LEU A 67 -11.40 12.43 13.95
N SER A 68 -10.77 12.44 12.78
CA SER A 68 -10.69 13.66 11.99
CA SER A 68 -10.70 13.68 12.01
C SER A 68 -12.09 14.23 11.66
N SER A 69 -13.02 13.35 11.28
CA SER A 69 -14.39 13.77 11.03
CA SER A 69 -14.41 13.76 11.04
C SER A 69 -14.95 14.48 12.28
N ILE A 70 -15.01 13.76 13.40
CA ILE A 70 -15.44 14.32 14.68
CA ILE A 70 -15.43 14.31 14.69
C ILE A 70 -14.76 15.67 15.02
N GLU A 71 -13.44 15.74 14.82
CA GLU A 71 -12.66 16.95 15.09
C GLU A 71 -13.09 18.17 14.25
N GLN A 72 -13.16 18.00 12.93
CA GLN A 72 -13.61 19.05 12.03
C GLN A 72 -15.02 19.53 12.46
N LYS A 73 -15.96 18.62 12.73
CA LYS A 73 -17.30 19.03 13.18
C LYS A 73 -17.24 19.77 14.52
N SER A 74 -16.37 19.34 15.44
CA SER A 74 -16.31 20.07 16.71
C SER A 74 -15.63 21.45 16.55
N ASN A 75 -15.22 21.77 15.32
CA ASN A 75 -14.58 23.08 14.97
C ASN A 75 -15.57 24.14 14.40
N GLY A 83 -13.26 21.10 24.17
CA GLY A 83 -11.85 20.93 24.61
C GLY A 83 -10.89 20.20 23.67
N PRO A 84 -9.68 19.94 24.15
CA PRO A 84 -8.57 19.39 23.37
C PRO A 84 -8.58 17.87 23.10
N GLU A 85 -9.58 17.15 23.63
CA GLU A 85 -9.47 15.71 23.72
C GLU A 85 -9.51 15.05 22.34
N VAL A 86 -10.35 15.58 21.45
CA VAL A 86 -10.55 14.99 20.12
C VAL A 86 -9.24 15.10 19.34
N ARG A 87 -8.67 16.30 19.35
CA ARG A 87 -7.40 16.56 18.69
C ARG A 87 -6.31 15.74 19.31
N GLU A 88 -6.27 15.67 20.63
CA GLU A 88 -5.22 14.85 21.29
C GLU A 88 -5.28 13.37 20.86
N TYR A 89 -6.48 12.82 20.81
CA TYR A 89 -6.62 11.37 20.51
C TYR A 89 -6.36 11.11 19.01
N ARG A 90 -6.75 12.07 18.18
CA ARG A 90 -6.52 11.96 16.74
C ARG A 90 -5.03 11.96 16.51
N GLU A 91 -4.32 12.82 17.26
CA GLU A 91 -2.84 12.93 17.21
CA GLU A 91 -2.87 12.90 17.13
C GLU A 91 -2.17 11.62 17.61
N LYS A 92 -2.71 10.96 18.66
CA LYS A 92 -2.21 9.65 19.16
CA LYS A 92 -2.09 9.71 19.10
C LYS A 92 -2.28 8.62 18.02
N VAL A 93 -3.47 8.47 17.46
CA VAL A 93 -3.71 7.49 16.39
C VAL A 93 -2.79 7.80 15.20
N GLU A 94 -2.79 9.05 14.78
CA GLU A 94 -1.93 9.59 13.73
C GLU A 94 -0.46 9.23 13.88
N THR A 95 0.10 9.44 15.09
CA THR A 95 1.49 9.21 15.37
CA THR A 95 1.52 9.19 15.28
C THR A 95 1.77 7.70 15.32
N GLU A 96 0.85 6.89 15.85
CA GLU A 96 0.92 5.44 15.73
CA GLU A 96 0.98 5.44 15.73
C GLU A 96 0.90 5.02 14.23
N LEU A 97 0.00 5.63 13.46
CA LEU A 97 -0.10 5.31 12.02
CA LEU A 97 -0.09 5.30 12.03
C LEU A 97 1.21 5.65 11.30
N GLN A 98 1.79 6.81 11.63
CA GLN A 98 3.07 7.23 11.06
C GLN A 98 4.18 6.28 11.42
N GLY A 99 4.10 5.71 12.62
CA GLY A 99 5.17 4.84 13.06
C GLY A 99 5.13 3.55 12.25
N VAL A 100 3.91 3.08 11.92
CA VAL A 100 3.79 1.88 11.11
C VAL A 100 4.29 2.13 9.69
N CYS A 101 3.88 3.27 9.10
CA CYS A 101 4.33 3.62 7.77
C CYS A 101 5.83 3.75 7.77
N ASP A 102 6.44 4.32 8.83
CA ASP A 102 7.90 4.40 8.86
C ASP A 102 8.57 3.05 8.95
N THR A 103 7.99 2.14 9.71
CA THR A 103 8.43 0.75 9.78
C THR A 103 8.43 0.04 8.39
N VAL A 104 7.31 0.14 7.66
CA VAL A 104 7.24 -0.48 6.34
C VAL A 104 8.32 0.14 5.42
N LEU A 105 8.34 1.46 5.32
CA LEU A 105 9.33 2.23 4.51
C LEU A 105 10.75 1.91 4.88
N GLY A 106 11.00 1.76 6.17
CA GLY A 106 12.29 1.26 6.64
C GLY A 106 12.64 -0.13 6.16
N LEU A 107 11.69 -1.08 6.24
CA LEU A 107 11.89 -2.42 5.65
C LEU A 107 12.11 -2.36 4.11
N LEU A 108 11.29 -1.59 3.37
CA LEU A 108 11.52 -1.41 1.93
C LEU A 108 12.92 -0.86 1.61
N ASP A 109 13.33 0.18 2.33
CA ASP A 109 14.62 0.85 2.09
C ASP A 109 15.83 0.00 2.54
N SER A 110 15.69 -0.77 3.60
CA SER A 110 16.84 -1.51 4.13
C SER A 110 17.09 -2.84 3.45
N HIS A 111 16.03 -3.56 3.16
CA HIS A 111 16.25 -4.87 2.59
C HIS A 111 15.75 -5.03 1.18
N LEU A 112 14.55 -4.57 0.97
CA LEU A 112 13.76 -5.21 -0.02
C LEU A 112 14.04 -4.66 -1.41
N ILE A 113 14.04 -3.34 -1.56
CA ILE A 113 14.13 -2.71 -2.88
C ILE A 113 15.53 -2.91 -3.48
N LYS A 114 16.53 -2.60 -2.66
CA LYS A 114 17.95 -2.89 -2.89
C LYS A 114 18.22 -4.23 -3.61
N GLU A 115 17.79 -5.33 -2.98
CA GLU A 115 18.08 -6.68 -3.48
C GLU A 115 17.07 -7.17 -4.54
N ALA A 116 16.01 -6.41 -4.86
CA ALA A 116 14.97 -6.91 -5.78
C ALA A 116 15.41 -6.74 -7.23
N GLY A 117 15.85 -7.84 -7.85
CA GLY A 117 16.41 -7.82 -9.23
C GLY A 117 15.40 -8.07 -10.31
N ASP A 118 14.43 -8.93 -10.06
CA ASP A 118 13.40 -9.26 -11.05
C ASP A 118 12.39 -8.12 -11.10
N ALA A 119 11.61 -8.10 -12.18
CA ALA A 119 10.60 -7.11 -12.43
C ALA A 119 9.49 -7.17 -11.41
N GLU A 120 8.80 -8.33 -11.27
CA GLU A 120 7.70 -8.51 -10.33
CA GLU A 120 7.69 -8.52 -10.31
C GLU A 120 8.09 -8.01 -8.91
N SER A 121 9.26 -8.45 -8.39
CA SER A 121 9.63 -8.00 -7.03
C SER A 121 9.87 -6.51 -6.98
N ARG A 122 10.61 -5.94 -7.92
CA ARG A 122 10.92 -4.52 -7.82
CA ARG A 122 10.93 -4.50 -7.91
C ARG A 122 9.66 -3.65 -7.86
N VAL A 123 8.75 -3.95 -8.77
CA VAL A 123 7.56 -3.18 -8.92
C VAL A 123 6.69 -3.29 -7.66
N PHE A 124 6.61 -4.52 -7.14
CA PHE A 124 5.83 -4.83 -5.96
CA PHE A 124 5.84 -4.82 -5.95
C PHE A 124 6.30 -3.93 -4.81
N TYR A 125 7.62 -3.91 -4.56
CA TYR A 125 8.16 -3.11 -3.46
C TYR A 125 8.03 -1.63 -3.68
N LEU A 126 8.20 -1.17 -4.93
CA LEU A 126 8.02 0.25 -5.26
C LEU A 126 6.55 0.70 -5.14
N LYS A 127 5.62 -0.16 -5.54
CA LYS A 127 4.18 0.13 -5.25
C LYS A 127 3.97 0.33 -3.73
N MET A 128 4.50 -0.61 -2.92
CA MET A 128 4.39 -0.53 -1.45
C MET A 128 4.97 0.75 -0.95
N LYS A 129 6.13 1.14 -1.47
CA LYS A 129 6.72 2.41 -1.10
C LYS A 129 5.85 3.64 -1.43
N GLY A 130 5.31 3.63 -2.66
CA GLY A 130 4.27 4.63 -2.99
C GLY A 130 3.06 4.70 -2.02
N ASP A 131 2.50 3.52 -1.70
CA ASP A 131 1.32 3.39 -0.83
C ASP A 131 1.58 3.98 0.57
N TYR A 132 2.73 3.63 1.19
CA TYR A 132 3.01 4.03 2.54
C TYR A 132 3.38 5.53 2.55
N TYR A 133 4.07 6.06 1.54
CA TYR A 133 4.10 7.53 1.49
C TYR A 133 2.72 8.13 1.24
N ARG A 134 1.89 7.51 0.39
CA ARG A 134 0.53 8.02 0.25
C ARG A 134 -0.25 8.08 1.62
N TYR A 135 -0.06 7.07 2.46
CA TYR A 135 -0.79 7.03 3.74
C TYR A 135 -0.25 8.15 4.65
N LEU A 136 1.06 8.38 4.60
CA LEU A 136 1.64 9.53 5.32
C LEU A 136 1.07 10.82 4.77
N ALA A 137 0.78 10.87 3.44
CA ALA A 137 0.33 12.12 2.80
C ALA A 137 -1.13 12.38 3.19
N GLU A 138 -1.88 11.33 3.45
CA GLU A 138 -3.27 11.51 3.87
C GLU A 138 -3.39 12.28 5.20
N VAL A 139 -2.36 12.21 6.02
CA VAL A 139 -2.45 12.86 7.34
C VAL A 139 -1.54 14.10 7.45
N ALA A 140 -0.74 14.38 6.41
CA ALA A 140 0.33 15.38 6.52
C ALA A 140 -0.30 16.76 6.39
N THR A 141 0.17 17.72 7.18
CA THR A 141 -0.28 19.13 7.05
C THR A 141 0.92 20.08 7.27
N GLY A 142 2.11 19.52 7.53
CA GLY A 142 3.31 20.31 7.77
C GLY A 142 4.08 20.76 6.53
N ASP A 143 5.29 21.21 6.78
CA ASP A 143 6.22 21.68 5.74
C ASP A 143 6.71 20.50 4.82
N ASP A 144 6.82 19.32 5.44
CA ASP A 144 7.21 18.04 4.83
C ASP A 144 6.06 17.36 4.01
N LYS A 145 4.86 17.93 4.04
CA LYS A 145 3.74 17.42 3.24
CA LYS A 145 3.77 17.37 3.24
C LYS A 145 4.16 17.29 1.78
N LYS A 146 4.73 18.37 1.25
CA LYS A 146 5.08 18.40 -0.16
C LYS A 146 6.13 17.34 -0.48
N ARG A 147 7.07 17.14 0.42
CA ARG A 147 8.11 16.16 0.18
C ARG A 147 7.60 14.74 0.29
N ILE A 148 6.53 14.55 1.08
CA ILE A 148 5.92 13.23 1.27
C ILE A 148 5.18 12.87 -0.01
N ILE A 149 4.40 13.82 -0.54
CA ILE A 149 3.71 13.67 -1.82
C ILE A 149 4.69 13.34 -2.94
N ASP A 150 5.81 14.04 -3.04
CA ASP A 150 6.68 13.68 -4.16
C ASP A 150 7.46 12.39 -3.96
N SER A 151 7.67 11.96 -2.71
CA SER A 151 8.21 10.61 -2.51
C SER A 151 7.23 9.53 -2.99
N ALA A 152 5.94 9.73 -2.75
CA ALA A 152 4.90 8.82 -3.19
C ALA A 152 4.92 8.79 -4.70
N ARG A 153 4.80 9.97 -5.33
CA ARG A 153 4.79 10.06 -6.80
CA ARG A 153 4.79 10.07 -6.79
C ARG A 153 6.04 9.38 -7.38
N SER A 154 7.23 9.71 -6.84
CA SER A 154 8.49 9.20 -7.36
CA SER A 154 8.47 9.19 -7.41
C SER A 154 8.57 7.68 -7.34
N ALA A 155 8.14 7.06 -6.24
CA ALA A 155 8.13 5.58 -6.11
C ALA A 155 7.16 4.99 -7.11
N TYR A 156 5.94 5.56 -7.17
CA TYR A 156 4.91 5.06 -8.07
C TYR A 156 5.38 5.16 -9.54
N GLN A 157 6.04 6.28 -9.86
CA GLN A 157 6.50 6.54 -11.25
C GLN A 157 7.54 5.51 -11.69
N GLU A 158 8.54 5.26 -10.84
CA GLU A 158 9.55 4.25 -11.11
CA GLU A 158 9.54 4.24 -11.13
C GLU A 158 8.87 2.88 -11.25
N ALA A 159 7.95 2.56 -10.35
CA ALA A 159 7.19 1.30 -10.50
C ALA A 159 6.43 1.28 -11.84
N MET A 160 5.84 2.41 -12.25
CA MET A 160 5.10 2.41 -13.51
C MET A 160 6.03 2.12 -14.71
N ASP A 161 7.18 2.80 -14.71
CA ASP A 161 8.17 2.67 -15.80
C ASP A 161 8.66 1.25 -15.96
N ILE A 162 9.02 0.59 -14.85
CA ILE A 162 9.43 -0.80 -14.94
C ILE A 162 8.30 -1.68 -15.39
N SER A 163 7.12 -1.51 -14.78
CA SER A 163 6.02 -2.41 -15.13
C SER A 163 5.63 -2.30 -16.61
N LYS A 164 5.74 -1.09 -17.15
CA LYS A 164 5.45 -0.88 -18.57
CA LYS A 164 5.48 -0.80 -18.57
C LYS A 164 6.49 -1.53 -19.47
N LYS A 165 7.78 -1.42 -19.14
CA LYS A 165 8.80 -2.16 -19.88
C LYS A 165 8.68 -3.69 -19.70
N GLU A 166 8.41 -4.17 -18.48
CA GLU A 166 8.68 -5.58 -18.18
C GLU A 166 7.50 -6.48 -17.93
N MET A 167 6.31 -5.93 -17.80
CA MET A 167 5.21 -6.81 -17.41
C MET A 167 4.08 -6.64 -18.38
N PRO A 168 3.28 -7.65 -18.57
CA PRO A 168 2.09 -7.54 -19.43
C PRO A 168 1.00 -6.64 -18.79
N PRO A 169 0.14 -5.95 -19.59
CA PRO A 169 -0.89 -5.00 -19.10
C PRO A 169 -1.89 -5.63 -18.11
N THR A 170 -2.07 -6.94 -18.21
CA THR A 170 -2.99 -7.65 -17.34
C THR A 170 -2.30 -8.17 -16.07
N HIS A 171 -1.00 -7.95 -15.87
CA HIS A 171 -0.37 -8.42 -14.61
C HIS A 171 -1.09 -7.81 -13.38
N PRO A 172 -1.61 -8.64 -12.46
CA PRO A 172 -2.28 -8.03 -11.28
C PRO A 172 -1.43 -6.96 -10.57
N ILE A 173 -0.10 -7.12 -10.53
CA ILE A 173 0.73 -6.10 -9.87
C ILE A 173 0.69 -4.79 -10.66
N ARG A 174 0.78 -4.88 -12.00
CA ARG A 174 0.65 -3.69 -12.83
C ARG A 174 -0.69 -3.00 -12.65
N LEU A 175 -1.78 -3.76 -12.71
CA LEU A 175 -3.11 -3.27 -12.52
C LEU A 175 -3.30 -2.61 -11.14
N GLY A 176 -2.82 -3.27 -10.11
CA GLY A 176 -3.02 -2.69 -8.75
C GLY A 176 -2.19 -1.45 -8.55
N LEU A 177 -1.01 -1.44 -9.14
CA LEU A 177 -0.18 -0.24 -9.13
C LEU A 177 -0.94 0.91 -9.74
N ALA A 178 -1.45 0.71 -10.97
CA ALA A 178 -2.17 1.78 -11.66
C ALA A 178 -3.40 2.19 -10.86
N LEU A 179 -4.12 1.21 -10.34
CA LEU A 179 -5.33 1.55 -9.54
C LEU A 179 -4.95 2.56 -8.44
N ASN A 180 -3.84 2.29 -7.72
CA ASN A 180 -3.50 3.10 -6.51
C ASN A 180 -2.84 4.41 -6.91
N PHE A 181 -2.06 4.35 -8.00
CA PHE A 181 -1.44 5.56 -8.51
C PHE A 181 -2.56 6.49 -8.97
N SER A 182 -3.61 5.90 -9.51
CA SER A 182 -4.69 6.72 -10.03
C SER A 182 -5.39 7.40 -8.82
N VAL A 183 -5.64 6.64 -7.75
CA VAL A 183 -6.17 7.21 -6.46
C VAL A 183 -5.26 8.34 -5.90
N PHE A 184 -3.94 8.13 -5.95
CA PHE A 184 -2.96 9.17 -5.57
C PHE A 184 -3.24 10.46 -6.37
N HIS A 185 -3.33 10.31 -7.69
CA HIS A 185 -3.64 11.50 -8.55
C HIS A 185 -4.93 12.15 -8.09
N TYR A 186 -5.92 11.35 -7.74
CA TYR A 186 -7.27 11.90 -7.60
C TYR A 186 -7.37 12.68 -6.28
N GLU A 187 -6.82 12.11 -5.21
CA GLU A 187 -7.21 12.65 -3.89
C GLU A 187 -6.03 13.19 -3.09
N ILE A 188 -4.83 12.84 -3.52
CA ILE A 188 -3.63 13.40 -2.94
C ILE A 188 -3.03 14.54 -3.78
N ALA A 189 -2.94 14.36 -5.11
CA ALA A 189 -2.24 15.32 -5.96
C ALA A 189 -3.26 16.27 -6.59
N ASN A 190 -4.55 16.11 -6.26
CA ASN A 190 -5.60 16.98 -6.83
C ASN A 190 -5.55 17.01 -8.38
N SER A 191 -5.55 15.83 -9.02
CA SER A 191 -5.46 15.74 -10.48
C SER A 191 -6.41 14.71 -10.92
N PRO A 192 -7.71 14.98 -10.73
CA PRO A 192 -8.77 14.02 -11.12
C PRO A 192 -8.68 13.59 -12.59
N GLU A 193 -8.24 14.48 -13.47
CA GLU A 193 -8.16 14.16 -14.88
C GLU A 193 -7.10 13.10 -15.13
N GLU A 194 -5.91 13.32 -14.58
CA GLU A 194 -4.85 12.33 -14.68
C GLU A 194 -5.29 10.98 -14.03
N ALA A 195 -5.98 11.05 -12.87
CA ALA A 195 -6.49 9.85 -12.19
C ALA A 195 -7.45 9.12 -13.15
N ILE A 196 -8.31 9.87 -13.83
CA ILE A 196 -9.31 9.28 -14.71
C ILE A 196 -8.63 8.64 -15.95
N SER A 197 -7.75 9.37 -16.62
CA SER A 197 -7.02 8.85 -17.80
CA SER A 197 -7.02 8.86 -17.79
C SER A 197 -6.20 7.60 -17.48
N LEU A 198 -5.51 7.64 -16.35
CA LEU A 198 -4.72 6.48 -15.98
C LEU A 198 -5.67 5.27 -15.71
N ALA A 199 -6.75 5.46 -14.93
CA ALA A 199 -7.64 4.28 -14.70
C ALA A 199 -8.20 3.71 -16.02
N LYS A 200 -8.64 4.62 -16.88
CA LYS A 200 -9.30 4.32 -18.19
CA LYS A 200 -9.31 4.21 -18.15
C LYS A 200 -8.37 3.52 -19.10
N THR A 201 -7.19 4.08 -19.35
CA THR A 201 -6.20 3.46 -20.20
CA THR A 201 -6.19 3.43 -20.22
C THR A 201 -5.75 2.10 -19.67
N THR A 202 -5.50 2.04 -18.35
CA THR A 202 -5.16 0.74 -17.73
C THR A 202 -6.25 -0.28 -17.96
N PHE A 203 -7.49 0.10 -17.71
CA PHE A 203 -8.59 -0.86 -17.90
C PHE A 203 -8.67 -1.36 -19.38
N ASP A 204 -8.56 -0.42 -20.33
CA ASP A 204 -8.66 -0.76 -21.76
C ASP A 204 -7.50 -1.63 -22.24
N GLU A 205 -6.24 -1.31 -21.86
CA GLU A 205 -5.13 -2.14 -22.32
C GLU A 205 -5.30 -3.53 -21.73
N ALA A 206 -5.85 -3.60 -20.52
CA ALA A 206 -5.99 -4.87 -19.85
C ALA A 206 -7.03 -5.72 -20.57
N MET A 207 -8.22 -5.15 -20.89
CA MET A 207 -9.26 -5.89 -21.65
C MET A 207 -8.68 -6.60 -22.89
N ALA A 208 -7.82 -5.89 -23.61
CA ALA A 208 -7.24 -6.32 -24.88
C ALA A 208 -6.18 -7.40 -24.75
N ASP A 209 -5.78 -7.71 -23.51
CA ASP A 209 -4.81 -8.75 -23.24
C ASP A 209 -5.36 -9.95 -22.41
N LEU A 210 -6.63 -9.93 -22.06
CA LEU A 210 -7.21 -11.05 -21.35
C LEU A 210 -6.95 -12.38 -22.06
N HIS A 211 -6.76 -12.29 -23.37
CA HIS A 211 -6.56 -13.47 -24.21
C HIS A 211 -5.30 -14.27 -23.85
N THR A 212 -4.61 -13.83 -22.79
CA THR A 212 -3.39 -14.49 -22.29
C THR A 212 -3.39 -14.63 -20.73
N LEU A 213 -4.44 -15.28 -20.19
CA LEU A 213 -4.50 -15.58 -18.75
C LEU A 213 -5.03 -16.99 -18.49
N TYR A 218 -5.79 -14.55 -13.35
CA TYR A 218 -7.09 -14.15 -13.87
C TYR A 218 -8.08 -13.67 -12.77
N LYS A 219 -8.27 -14.41 -11.70
CA LYS A 219 -9.17 -13.92 -10.65
C LYS A 219 -8.69 -12.57 -10.06
N ASP A 220 -7.38 -12.47 -9.78
CA ASP A 220 -6.77 -11.25 -9.19
C ASP A 220 -6.92 -10.10 -10.17
N SER A 221 -6.57 -10.39 -11.39
CA SER A 221 -6.64 -9.39 -12.44
C SER A 221 -8.09 -8.90 -12.71
N THR A 222 -9.07 -9.81 -12.88
CA THR A 222 -10.46 -9.36 -13.08
C THR A 222 -10.94 -8.66 -11.83
N LEU A 223 -10.52 -9.12 -10.63
CA LEU A 223 -10.90 -8.41 -9.40
CA LEU A 223 -10.90 -8.42 -9.40
C LEU A 223 -10.45 -6.98 -9.51
N ILE A 224 -9.16 -6.74 -9.84
CA ILE A 224 -8.61 -5.38 -9.88
CA ILE A 224 -8.63 -5.38 -9.87
C ILE A 224 -9.25 -4.53 -11.00
N MET A 225 -9.51 -5.14 -12.13
CA MET A 225 -10.14 -4.42 -13.22
C MET A 225 -11.51 -3.91 -12.78
N GLN A 226 -12.24 -4.75 -12.03
CA GLN A 226 -13.48 -4.30 -11.39
C GLN A 226 -13.27 -3.11 -10.46
N LEU A 227 -12.18 -3.10 -9.70
CA LEU A 227 -11.89 -1.98 -8.77
C LEU A 227 -11.67 -0.70 -9.60
N LEU A 228 -10.98 -0.84 -10.73
CA LEU A 228 -10.82 0.29 -11.68
C LEU A 228 -12.17 0.77 -12.23
N ARG A 229 -13.02 -0.18 -12.63
CA ARG A 229 -14.35 0.16 -13.14
C ARG A 229 -15.10 0.88 -12.04
N ASP A 230 -15.01 0.39 -10.81
CA ASP A 230 -15.67 1.08 -9.69
C ASP A 230 -15.22 2.51 -9.52
N ASN A 231 -13.91 2.76 -9.58
CA ASN A 231 -13.49 4.13 -9.37
C ASN A 231 -13.95 5.02 -10.54
N LEU A 232 -13.79 4.55 -11.76
CA LEU A 232 -14.24 5.31 -12.94
C LEU A 232 -15.75 5.68 -12.79
N THR A 233 -16.56 4.70 -12.41
CA THR A 233 -18.00 4.94 -12.14
C THR A 233 -18.19 5.95 -11.01
N LEU A 234 -17.39 5.85 -9.95
CA LEU A 234 -17.49 6.82 -8.89
C LEU A 234 -17.14 8.26 -9.36
N TRP A 235 -16.10 8.37 -10.22
CA TRP A 235 -15.49 9.68 -10.53
C TRP A 235 -16.08 10.34 -11.77
N THR A 236 -16.87 9.61 -12.54
CA THR A 236 -17.46 10.21 -13.74
C THR A 236 -19.00 10.14 -13.72
N LYS B 1 -19.75 4.49 -1.93
CA LYS B 1 -19.17 5.65 -1.18
C LYS B 1 -17.65 5.84 -1.33
N ARG B 2 -16.80 4.87 -0.95
CA ARG B 2 -15.35 5.12 -0.90
CA ARG B 2 -15.33 5.11 -0.90
C ARG B 2 -14.57 4.48 -2.08
N ARG B 3 -13.72 5.30 -2.73
CA ARG B 3 -12.92 4.80 -3.88
C ARG B 3 -12.11 3.58 -3.45
N LYS B 4 -11.83 2.70 -4.39
CA LYS B 4 -11.07 1.45 -4.16
C LYS B 4 -9.56 1.65 -4.33
N SEP B 5 -8.81 0.92 -3.50
CA SEP B 5 -7.34 0.80 -3.65
CB SEP B 5 -6.59 1.71 -2.66
OG SEP B 5 -6.98 1.38 -1.33
C SEP B 5 -7.10 -0.68 -3.36
O SEP B 5 -8.09 -1.40 -3.02
P SEP B 5 -6.04 2.02 -0.22
O1P SEP B 5 -6.29 3.58 -0.22
O2P SEP B 5 -6.53 1.42 1.19
O3P SEP B 5 -4.49 1.71 -0.56
N VAL B 6 -5.89 -1.17 -3.53
CA VAL B 6 -5.62 -2.60 -3.38
C VAL B 6 -4.18 -2.87 -2.93
C1 CW7 C . -7.69 -14.56 -4.40
O1 CW7 C . -8.46 -14.78 -3.19
CAA CW7 C . -0.08 -8.97 -5.95
CAB CW7 C . -1.48 -8.77 -6.14
CAC CW7 C . -2.14 -7.49 -5.78
CAD CW7 C . -1.79 -6.29 -6.73
CAE CW7 C . -0.61 -5.51 -6.01
CAF CW7 C . -0.91 -5.69 -4.52
CAG CW7 C . -1.41 -7.13 -4.41
CAH CW7 C . -2.07 -7.45 -3.12
CAI CW7 C . -2.55 -8.82 -2.73
CAJ CW7 C . -3.71 -8.55 -1.78
CAK CW7 C . -4.90 -8.39 -2.81
CAL CW7 C . -4.54 -9.36 -3.83
CAM CW7 C . -3.19 -9.59 -3.82
CAN CW7 C . -2.39 -10.46 -4.69
CAO CW7 C . -2.27 -9.95 -6.14
OAP CW7 C . -1.70 -11.09 -6.86
OAQ CW7 C . -3.02 -11.73 -4.72
CAR CW7 C . -2.32 -12.87 -4.33
CAS CW7 C . -3.24 -13.81 -5.06
CAT CW7 C . -4.40 -14.40 -4.21
CAU CW7 C . -4.38 -14.09 -2.68
CAV CW7 C . -3.52 -12.94 -2.18
OAW CW7 C . -2.27 -13.01 -2.90
CAX CW7 C . -3.31 -13.07 -0.64
OAY CW7 C . -2.14 -13.86 -0.33
CAZ CW7 C . -1.65 -13.67 1.02
OBA CW7 C . -3.92 -15.34 -2.14
CBB CW7 C . -4.93 -16.14 -2.77
OBC CW7 C . -4.62 -15.86 -4.19
CBD CW7 C . -6.20 -15.40 -2.31
OBE CW7 C . -5.77 -13.97 -2.22
CBF CW7 C . -6.63 -15.85 -0.89
CBG CW7 C . -7.32 -15.65 -3.39
OBJ CW7 C . -2.55 -14.60 -5.94
CBK CW7 C . -5.52 -10.00 -4.87
CBL CW7 C . -6.03 -8.95 -5.86
CBM CW7 C . -6.71 -10.73 -4.22
CBN CW7 C . -1.45 -9.54 -1.93
CBO CW7 C . 0.42 -5.57 -3.71
OBP CW7 C . 1.02 -4.23 -3.73
CBQ CW7 C . 2.29 -4.30 -3.18
OBR CW7 C . -1.89 -4.71 -4.24
MG MG D . 15.55 -3.94 9.28
#